data_5SZG
#
_entry.id   5SZG
#
_cell.length_a   51.858
_cell.length_b   78.848
_cell.length_c   95.557
_cell.angle_alpha   90.00
_cell.angle_beta   90.00
_cell.angle_gamma   90.00
#
_symmetry.space_group_name_H-M   'P 21 21 21'
#
loop_
_entity.id
_entity.type
_entity.pdbx_description
1 polymer 'Protein-methionine sulfoxide oxidase MICAL3'
2 non-polymer DI(HYDROXYETHYL)ETHER
#
_entity_poly.entity_id   1
_entity_poly.type   'polypeptide(L)'
_entity_poly.pdbx_seq_one_letter_code
;GKQEELKRLHRAQIIQRQLQQVEERQRRLEERGVAVEKALRGEAG(MSE)GKKDDPKL(MSE)QEWFKLVQEKNA(MSE)
VRYESEL(MSE)IFARELELEDRQSRLQQELRER(MSE)AVEDHLKTEEELSEEKQILNE(MSE)LEVVEQRDSLVALLE
EQRLREREEDKDLEA
;
_entity_poly.pdbx_strand_id   A,B
#
loop_
_chem_comp.id
_chem_comp.type
_chem_comp.name
_chem_comp.formula
PEG non-polymer DI(HYDROXYETHYL)ETHER 'C4 H10 O3'
#
# COMPACT_ATOMS: atom_id res chain seq x y z
N LYS A 2 -22.01 10.01 5.12
CA LYS A 2 -21.91 10.83 3.86
C LYS A 2 -20.49 11.41 3.62
N GLN A 3 -19.83 11.89 4.69
CA GLN A 3 -18.44 12.37 4.62
C GLN A 3 -17.42 11.21 4.46
N GLU A 4 -17.77 10.05 5.04
CA GLU A 4 -17.02 8.82 4.82
C GLU A 4 -17.07 8.40 3.32
N GLU A 5 -18.28 8.47 2.73
CA GLU A 5 -18.55 8.02 1.34
C GLU A 5 -17.98 8.95 0.24
N LEU A 6 -17.82 10.23 0.57
CA LEU A 6 -17.24 11.22 -0.33
C LEU A 6 -15.72 11.02 -0.44
N LYS A 7 -15.02 10.85 0.68
CA LYS A 7 -13.55 10.66 0.60
C LYS A 7 -13.20 9.39 -0.21
N ARG A 8 -14.15 8.46 -0.27
CA ARG A 8 -14.07 7.25 -1.03
C ARG A 8 -14.34 7.49 -2.52
N LEU A 9 -15.40 8.20 -2.87
CA LEU A 9 -15.66 8.49 -4.30
C LEU A 9 -14.42 9.17 -4.96
N HIS A 10 -13.84 10.13 -4.26
CA HIS A 10 -12.68 10.84 -4.73
C HIS A 10 -11.49 9.92 -4.96
N ARG A 11 -11.22 9.02 -4.01
CA ARG A 11 -10.15 8.00 -4.17
C ARG A 11 -10.44 7.10 -5.36
N ALA A 12 -11.69 6.72 -5.58
CA ALA A 12 -12.05 5.93 -6.77
C ALA A 12 -11.80 6.68 -8.09
N GLN A 13 -12.03 8.00 -8.11
CA GLN A 13 -11.81 8.76 -9.31
C GLN A 13 -10.34 8.92 -9.64
N ILE A 14 -9.54 9.18 -8.61
CA ILE A 14 -8.12 9.25 -8.70
C ILE A 14 -7.60 7.98 -9.33
N ILE A 15 -8.11 6.84 -8.86
CA ILE A 15 -7.69 5.55 -9.40
C ILE A 15 -8.10 5.34 -10.83
N GLN A 16 -9.36 5.55 -11.15
CA GLN A 16 -9.78 5.52 -12.56
C GLN A 16 -8.86 6.38 -13.47
N ARG A 17 -8.62 7.61 -13.07
CA ARG A 17 -7.82 8.55 -13.84
C ARG A 17 -6.45 8.01 -14.12
N GLN A 18 -5.86 7.32 -13.15
CA GLN A 18 -4.58 6.70 -13.35
C GLN A 18 -4.56 5.45 -14.21
N LEU A 19 -5.55 4.56 -14.07
CA LEU A 19 -5.73 3.44 -14.98
C LEU A 19 -5.91 3.93 -16.43
N GLN A 20 -6.62 5.04 -16.63
CA GLN A 20 -6.78 5.62 -18.00
C GLN A 20 -5.42 6.14 -18.61
N GLN A 21 -4.65 6.91 -17.82
CA GLN A 21 -3.29 7.24 -18.17
C GLN A 21 -2.36 6.04 -18.45
N VAL A 22 -2.55 4.94 -17.69
CA VAL A 22 -1.77 3.69 -17.89
C VAL A 22 -2.18 3.00 -19.16
N GLU A 23 -3.46 2.83 -19.36
CA GLU A 23 -3.96 2.29 -20.61
C GLU A 23 -3.33 2.99 -21.82
N GLU A 24 -3.26 4.31 -21.77
CA GLU A 24 -2.77 5.09 -22.87
C GLU A 24 -1.30 4.98 -23.07
N ARG A 25 -0.54 4.95 -21.98
CA ARG A 25 0.84 4.74 -22.10
C ARG A 25 1.16 3.38 -22.69
N GLN A 26 0.40 2.37 -22.33
CA GLN A 26 0.51 1.04 -22.94
C GLN A 26 0.12 1.08 -24.40
N ARG A 27 -0.86 1.90 -24.77
CA ARG A 27 -1.24 2.02 -26.21
C ARG A 27 -0.09 2.57 -27.09
N ARG A 28 0.61 3.60 -26.59
CA ARG A 28 1.78 4.17 -27.27
C ARG A 28 2.90 3.11 -27.41
N LEU A 29 3.16 2.36 -26.34
CA LEU A 29 4.19 1.30 -26.34
C LEU A 29 3.87 0.15 -27.30
N GLU A 30 2.61 -0.27 -27.34
CA GLU A 30 2.09 -1.19 -28.37
C GLU A 30 2.49 -0.73 -29.79
N GLU A 31 2.33 0.55 -30.11
CA GLU A 31 2.64 1.09 -31.45
C GLU A 31 4.11 1.22 -31.76
N ARG A 32 4.92 1.72 -30.83
CA ARG A 32 6.37 1.72 -31.00
C ARG A 32 6.87 0.29 -31.18
N GLY A 33 6.27 -0.64 -30.43
CA GLY A 33 6.60 -2.04 -30.49
C GLY A 33 6.32 -2.65 -31.83
N VAL A 34 5.23 -2.24 -32.46
CA VAL A 34 4.88 -2.71 -33.79
C VAL A 34 5.85 -2.21 -34.85
N ALA A 35 6.23 -0.94 -34.74
CA ALA A 35 7.20 -0.37 -35.66
C ALA A 35 8.57 -1.02 -35.52
N VAL A 36 8.98 -1.31 -34.29
CA VAL A 36 10.29 -1.90 -34.05
C VAL A 36 10.32 -3.31 -34.61
N GLU A 37 9.23 -4.05 -34.45
CA GLU A 37 9.13 -5.39 -35.02
C GLU A 37 9.00 -5.42 -36.56
N LYS A 38 8.31 -4.45 -37.15
CA LYS A 38 8.27 -4.26 -38.62
C LYS A 38 9.70 -4.00 -39.15
N ALA A 39 10.46 -3.21 -38.38
CA ALA A 39 11.86 -2.99 -38.70
C ALA A 39 12.75 -4.28 -38.62
N LEU A 40 12.23 -5.41 -38.13
CA LEU A 40 13.00 -6.65 -38.12
C LEU A 40 12.58 -7.34 -39.40
N ARG A 41 13.25 -6.98 -40.48
CA ARG A 41 12.80 -7.33 -41.82
C ARG A 41 13.06 -8.82 -42.06
N PRO A 52 20.88 -4.01 -34.64
CA PRO A 52 21.84 -3.49 -33.68
C PRO A 52 21.17 -2.59 -32.57
N LYS A 53 21.05 -1.27 -32.81
CA LYS A 53 20.22 -0.40 -31.96
C LYS A 53 18.74 -0.83 -31.94
N LEU A 54 18.29 -1.50 -33.00
CA LEU A 54 16.91 -1.98 -33.10
C LEU A 54 16.57 -3.11 -32.10
N MSE A 55 17.42 -4.12 -31.99
CA MSE A 55 17.31 -5.17 -30.95
C MSE A 55 17.33 -4.56 -29.56
O MSE A 55 16.54 -4.96 -28.70
CB MSE A 55 18.43 -6.21 -31.15
CG MSE A 55 18.49 -7.42 -30.19
SE MSE A 55 17.30 -8.94 -30.62
CE MSE A 55 18.35 -10.23 -29.58
N GLN A 56 18.20 -3.57 -29.36
CA GLN A 56 18.28 -2.84 -28.09
C GLN A 56 16.95 -2.12 -27.73
N GLU A 57 16.28 -1.50 -28.72
CA GLU A 57 14.97 -0.82 -28.47
C GLU A 57 13.90 -1.83 -28.00
N TRP A 58 13.80 -2.95 -28.71
CA TRP A 58 12.88 -4.05 -28.33
C TRP A 58 12.98 -4.41 -26.84
N PHE A 59 14.20 -4.60 -26.33
CA PHE A 59 14.37 -4.87 -24.88
C PHE A 59 13.94 -3.73 -23.96
N LYS A 60 14.20 -2.50 -24.35
CA LYS A 60 13.73 -1.34 -23.57
C LYS A 60 12.17 -1.31 -23.50
N LEU A 61 11.51 -1.52 -24.65
CA LEU A 61 10.04 -1.57 -24.69
C LEU A 61 9.45 -2.63 -23.73
N VAL A 62 10.08 -3.81 -23.71
CA VAL A 62 9.72 -4.85 -22.79
C VAL A 62 9.79 -4.36 -21.35
N GLN A 63 10.87 -3.69 -20.98
CA GLN A 63 11.00 -3.10 -19.63
C GLN A 63 9.92 -2.10 -19.30
N GLU A 64 9.61 -1.23 -20.25
CA GLU A 64 8.62 -0.16 -20.06
C GLU A 64 7.18 -0.71 -19.98
N LYS A 65 6.88 -1.74 -20.75
CA LYS A 65 5.63 -2.44 -20.67
C LYS A 65 5.49 -3.17 -19.33
N ASN A 66 6.60 -3.77 -18.87
CA ASN A 66 6.63 -4.40 -17.60
C ASN A 66 6.31 -3.41 -16.48
N ALA A 67 6.92 -2.22 -16.55
CA ALA A 67 6.73 -1.21 -15.53
C ALA A 67 5.26 -0.85 -15.47
N MSE A 68 4.66 -0.59 -16.64
CA MSE A 68 3.25 -0.22 -16.71
C MSE A 68 2.31 -1.31 -16.13
O MSE A 68 1.37 -0.99 -15.48
CB MSE A 68 2.79 0.11 -18.12
CG MSE A 68 3.38 1.39 -18.66
SE MSE A 68 3.02 2.95 -17.48
CE MSE A 68 4.79 3.09 -16.55
N VAL A 69 2.62 -2.59 -16.38
CA VAL A 69 1.84 -3.71 -15.86
C VAL A 69 1.89 -3.78 -14.35
N ARG A 70 3.05 -3.51 -13.78
CA ARG A 70 3.22 -3.45 -12.34
C ARG A 70 2.43 -2.33 -11.72
N TYR A 71 2.39 -1.19 -12.40
CA TYR A 71 1.58 -0.06 -11.99
C TYR A 71 0.11 -0.37 -12.13
N GLU A 72 -0.32 -0.96 -13.24
CA GLU A 72 -1.72 -1.38 -13.43
C GLU A 72 -2.17 -2.32 -12.29
N SER A 73 -1.35 -3.34 -11.99
CA SER A 73 -1.54 -4.25 -10.88
C SER A 73 -1.80 -3.63 -9.50
N GLU A 74 -0.99 -2.64 -9.17
CA GLU A 74 -1.19 -1.90 -7.95
C GLU A 74 -2.54 -1.16 -7.94
N LEU A 75 -2.91 -0.59 -9.09
CA LEU A 75 -4.18 0.12 -9.20
C LEU A 75 -5.37 -0.81 -9.10
N MSE A 76 -5.24 -2.00 -9.67
CA MSE A 76 -6.22 -3.03 -9.47
C MSE A 76 -6.44 -3.33 -8.03
O MSE A 76 -7.62 -3.40 -7.59
CB MSE A 76 -5.91 -4.34 -10.16
CG MSE A 76 -5.94 -4.11 -11.70
SE MSE A 76 -7.73 -3.40 -12.29
CE MSE A 76 -7.75 -3.95 -14.19
N ILE A 77 -5.34 -3.48 -7.27
CA ILE A 77 -5.42 -3.88 -5.88
C ILE A 77 -6.11 -2.82 -5.12
N PHE A 78 -5.66 -1.58 -5.29
CA PHE A 78 -6.29 -0.44 -4.59
C PHE A 78 -7.77 -0.29 -4.88
N ALA A 79 -8.15 -0.52 -6.12
CA ALA A 79 -9.54 -0.40 -6.57
C ALA A 79 -10.44 -1.50 -5.98
N ARG A 80 -9.92 -2.73 -5.87
CA ARG A 80 -10.66 -3.80 -5.23
C ARG A 80 -10.82 -3.49 -3.73
N GLU A 81 -9.70 -3.11 -3.08
CA GLU A 81 -9.69 -2.78 -1.65
C GLU A 81 -10.80 -1.75 -1.39
N LEU A 82 -10.90 -0.76 -2.29
CA LEU A 82 -11.92 0.26 -2.22
C LEU A 82 -13.39 -0.18 -2.35
N GLU A 83 -13.65 -1.05 -3.32
CA GLU A 83 -14.94 -1.79 -3.38
C GLU A 83 -15.31 -2.52 -2.06
N LEU A 84 -14.32 -3.16 -1.46
CA LEU A 84 -14.47 -3.86 -0.19
C LEU A 84 -14.72 -2.95 0.99
N GLU A 85 -14.07 -1.80 1.06
CA GLU A 85 -14.42 -0.78 2.06
C GLU A 85 -15.88 -0.32 1.94
N ASP A 86 -16.38 -0.25 0.71
CA ASP A 86 -17.73 0.16 0.48
C ASP A 86 -18.70 -0.91 0.95
N ARG A 87 -18.47 -2.14 0.52
CA ARG A 87 -19.32 -3.24 0.95
C ARG A 87 -19.33 -3.32 2.47
N GLN A 88 -18.17 -3.24 3.10
CA GLN A 88 -18.07 -3.34 4.56
C GLN A 88 -18.89 -2.25 5.25
N SER A 89 -18.75 -1.02 4.79
CA SER A 89 -19.43 0.13 5.36
C SER A 89 -20.96 -0.06 5.31
N ARG A 90 -21.46 -0.59 4.20
CA ARG A 90 -22.88 -0.89 4.02
C ARG A 90 -23.41 -2.02 4.88
N LEU A 91 -22.61 -3.06 5.08
CA LEU A 91 -22.94 -4.16 5.99
C LEU A 91 -22.95 -3.68 7.42
N GLN A 92 -22.04 -2.77 7.71
CA GLN A 92 -21.92 -2.22 9.04
C GLN A 92 -23.15 -1.35 9.32
N GLN A 93 -23.63 -0.63 8.30
CA GLN A 93 -24.91 0.11 8.42
C GLN A 93 -26.12 -0.82 8.69
N GLU A 94 -26.19 -1.89 7.93
CA GLU A 94 -27.24 -2.86 8.08
C GLU A 94 -27.23 -3.45 9.52
N LEU A 95 -26.05 -3.72 10.04
CA LEU A 95 -25.89 -4.20 11.39
C LEU A 95 -26.19 -3.18 12.49
N ARG A 96 -25.75 -1.93 12.33
CA ARG A 96 -26.02 -0.89 13.34
C ARG A 96 -27.53 -0.71 13.42
N GLU A 97 -28.21 -0.75 12.27
CA GLU A 97 -29.69 -0.58 12.26
C GLU A 97 -30.36 -1.66 13.08
N ARG A 98 -29.96 -2.90 12.86
CA ARG A 98 -30.56 -4.03 13.58
C ARG A 98 -30.28 -3.99 15.09
N MSE A 99 -29.18 -3.38 15.50
CA MSE A 99 -28.80 -3.38 16.94
C MSE A 99 -29.41 -2.19 17.71
O MSE A 99 -29.21 -2.07 18.89
CB MSE A 99 -27.27 -3.36 17.10
CG MSE A 99 -26.68 -4.68 16.64
SE MSE A 99 -24.72 -4.75 16.85
CE MSE A 99 -23.94 -2.97 16.40
N ALA A 100 -30.17 -1.31 17.06
CA ALA A 100 -31.07 -0.38 17.77
C ALA A 100 -32.21 -1.06 18.59
N VAL A 101 -32.54 -2.31 18.25
CA VAL A 101 -33.58 -3.09 18.93
C VAL A 101 -32.92 -4.03 19.89
N GLU A 102 -33.32 -4.06 21.15
CA GLU A 102 -32.76 -5.03 22.11
C GLU A 102 -32.95 -6.49 21.72
N ASP A 103 -32.08 -7.36 22.21
CA ASP A 103 -31.97 -8.73 21.68
C ASP A 103 -33.14 -9.62 22.03
N HIS A 104 -33.60 -9.52 23.29
CA HIS A 104 -34.81 -10.22 23.73
C HIS A 104 -36.09 -9.92 22.93
N LEU A 105 -36.13 -8.80 22.24
CA LEU A 105 -37.29 -8.45 21.48
C LEU A 105 -37.25 -9.00 20.04
N LYS A 106 -36.33 -9.92 19.74
CA LYS A 106 -36.22 -10.47 18.38
C LYS A 106 -36.49 -11.94 18.31
N THR A 107 -36.90 -12.39 17.12
CA THR A 107 -37.15 -13.81 16.86
C THR A 107 -35.86 -14.69 16.85
N GLU A 108 -36.02 -16.01 16.72
CA GLU A 108 -34.89 -16.89 16.39
C GLU A 108 -34.29 -16.55 15.01
N GLU A 109 -35.16 -16.31 14.03
CA GLU A 109 -34.81 -15.95 12.67
C GLU A 109 -34.08 -14.58 12.62
N GLU A 110 -34.71 -13.49 13.07
CA GLU A 110 -34.06 -12.16 13.15
C GLU A 110 -32.63 -12.22 13.70
N LEU A 111 -32.43 -13.07 14.71
CA LEU A 111 -31.13 -13.16 15.36
C LEU A 111 -30.07 -13.86 14.53
N SER A 112 -30.49 -14.81 13.73
CA SER A 112 -29.54 -15.48 12.90
C SER A 112 -29.20 -14.63 11.63
N GLU A 113 -30.08 -13.73 11.20
CA GLU A 113 -29.72 -12.81 10.07
CA GLU A 113 -29.77 -12.81 10.09
C GLU A 113 -28.65 -11.81 10.51
N GLU A 114 -28.75 -11.33 11.76
CA GLU A 114 -27.69 -10.53 12.40
C GLU A 114 -26.36 -11.25 12.42
N LYS A 115 -26.39 -12.54 12.76
CA LYS A 115 -25.21 -13.36 12.79
C LYS A 115 -24.71 -13.59 11.37
N GLN A 116 -25.59 -13.67 10.36
CA GLN A 116 -25.16 -13.87 8.95
C GLN A 116 -24.52 -12.61 8.37
N ILE A 117 -25.05 -11.44 8.75
CA ILE A 117 -24.53 -10.15 8.28
C ILE A 117 -23.11 -10.04 8.82
N LEU A 118 -22.96 -10.35 10.09
CA LEU A 118 -21.66 -10.28 10.73
C LEU A 118 -20.65 -11.22 10.06
N ASN A 119 -21.03 -12.46 9.68
CA ASN A 119 -20.16 -13.31 8.86
C ASN A 119 -19.80 -12.75 7.50
N GLU A 120 -20.74 -12.14 6.81
CA GLU A 120 -20.45 -11.51 5.51
C GLU A 120 -19.35 -10.45 5.69
N MSE A 121 -19.53 -9.63 6.71
CA MSE A 121 -18.60 -8.56 7.06
C MSE A 121 -17.24 -9.06 7.45
O MSE A 121 -16.23 -8.43 7.08
CB MSE A 121 -19.15 -7.66 8.09
CG MSE A 121 -18.34 -6.39 8.22
SE MSE A 121 -19.07 -5.48 9.80
CE MSE A 121 -21.01 -5.91 9.76
N LEU A 122 -17.15 -10.21 8.12
CA LEU A 122 -15.85 -10.77 8.47
C LEU A 122 -15.11 -11.34 7.25
N GLU A 123 -15.82 -11.91 6.28
CA GLU A 123 -15.14 -12.40 5.12
C GLU A 123 -14.78 -11.31 4.11
N VAL A 124 -15.48 -10.20 4.12
CA VAL A 124 -15.05 -8.98 3.45
C VAL A 124 -13.79 -8.42 4.06
N VAL A 125 -13.73 -8.40 5.37
CA VAL A 125 -12.52 -7.98 6.05
C VAL A 125 -11.37 -8.93 5.74
N GLU A 126 -11.62 -10.21 5.60
CA GLU A 126 -10.54 -11.17 5.37
C GLU A 126 -9.96 -10.97 4.00
N GLN A 127 -10.82 -10.79 3.02
CA GLN A 127 -10.36 -10.51 1.67
C GLN A 127 -9.52 -9.24 1.62
N ARG A 128 -9.94 -8.22 2.35
CA ARG A 128 -9.29 -6.96 2.37
C ARG A 128 -7.89 -7.12 2.95
N ASP A 129 -7.78 -7.84 4.05
CA ASP A 129 -6.47 -8.05 4.67
C ASP A 129 -5.54 -8.89 3.76
N SER A 130 -6.12 -9.80 3.02
CA SER A 130 -5.38 -10.59 2.06
C SER A 130 -4.77 -9.72 0.93
N LEU A 131 -5.56 -8.79 0.37
CA LEU A 131 -5.08 -7.76 -0.60
C LEU A 131 -4.02 -6.76 -0.04
N VAL A 132 -4.12 -6.38 1.24
CA VAL A 132 -3.11 -5.57 1.87
C VAL A 132 -1.81 -6.36 2.00
N ALA A 133 -1.91 -7.65 2.35
CA ALA A 133 -0.71 -8.54 2.43
C ALA A 133 0.00 -8.74 1.10
N LEU A 134 -0.77 -8.86 0.03
CA LEU A 134 -0.25 -8.96 -1.30
C LEU A 134 0.45 -7.65 -1.74
N LEU A 135 -0.16 -6.53 -1.42
CA LEU A 135 0.39 -5.24 -1.80
C LEU A 135 1.68 -4.96 -1.03
N GLU A 136 1.71 -5.38 0.23
CA GLU A 136 2.87 -5.29 1.11
C GLU A 136 4.00 -6.12 0.49
N GLU A 137 3.72 -7.36 0.14
CA GLU A 137 4.70 -8.22 -0.55
C GLU A 137 5.28 -7.53 -1.80
N GLN A 138 4.40 -7.04 -2.67
CA GLN A 138 4.82 -6.32 -3.89
C GLN A 138 5.70 -5.08 -3.62
N ARG A 139 5.37 -4.28 -2.62
CA ARG A 139 6.20 -3.10 -2.27
C ARG A 139 7.57 -3.49 -1.66
N LEU A 140 7.61 -4.58 -0.91
CA LEU A 140 8.88 -5.13 -0.38
C LEU A 140 9.73 -5.90 -1.40
N ARG A 141 9.15 -6.18 -2.55
CA ARG A 141 9.79 -6.89 -3.65
C ARG A 141 10.28 -5.87 -4.69
N GLU A 142 9.61 -4.71 -4.79
CA GLU A 142 9.96 -3.70 -5.78
C GLU A 142 11.20 -2.94 -5.31
N ARG A 143 11.62 -3.10 -4.04
CA ARG A 143 12.94 -2.66 -3.56
C ARG A 143 14.05 -3.65 -4.07
N GLU A 144 14.10 -3.85 -5.40
CA GLU A 144 15.14 -4.59 -6.15
C GLU A 144 16.05 -3.62 -6.95
N GLU B 4 -3.22 -16.92 10.04
CA GLU B 4 -2.25 -17.60 10.98
C GLU B 4 -1.36 -16.57 11.70
N GLU B 5 -1.14 -16.81 13.00
CA GLU B 5 -0.35 -15.92 13.86
C GLU B 5 1.15 -15.91 13.53
N LEU B 6 1.62 -17.00 12.93
CA LEU B 6 3.01 -17.15 12.49
C LEU B 6 3.27 -16.59 11.11
N LYS B 7 2.26 -16.58 10.23
CA LYS B 7 2.41 -15.80 8.98
C LYS B 7 2.65 -14.36 9.36
N ARG B 8 1.83 -13.89 10.27
CA ARG B 8 1.80 -12.51 10.66
C ARG B 8 3.10 -12.16 11.38
N LEU B 9 3.55 -13.03 12.27
CA LEU B 9 4.83 -12.86 12.90
C LEU B 9 5.96 -12.69 11.87
N HIS B 10 6.00 -13.57 10.89
CA HIS B 10 7.05 -13.59 9.88
C HIS B 10 7.07 -12.29 9.08
N ARG B 11 5.89 -11.80 8.68
CA ARG B 11 5.74 -10.52 8.00
C ARG B 11 6.21 -9.37 8.88
N ALA B 12 5.89 -9.41 10.15
CA ALA B 12 6.43 -8.43 11.07
C ALA B 12 7.96 -8.44 11.17
N GLN B 13 8.59 -9.63 11.14
CA GLN B 13 10.03 -9.70 11.31
C GLN B 13 10.71 -9.16 10.04
N ILE B 14 10.16 -9.50 8.89
CA ILE B 14 10.59 -8.96 7.64
C ILE B 14 10.61 -7.43 7.68
N ILE B 15 9.51 -6.84 8.14
CA ILE B 15 9.39 -5.39 8.22
C ILE B 15 10.41 -4.78 9.21
N GLN B 16 10.47 -5.27 10.46
CA GLN B 16 11.50 -4.82 11.43
C GLN B 16 12.92 -4.89 10.81
N ARG B 17 13.22 -5.94 10.10
CA ARG B 17 14.49 -6.06 9.46
C ARG B 17 14.75 -5.10 8.30
N GLN B 18 13.71 -4.74 7.56
CA GLN B 18 13.84 -3.79 6.44
C GLN B 18 14.03 -2.35 6.91
N LEU B 19 13.35 -1.96 7.98
CA LEU B 19 13.60 -0.73 8.69
C LEU B 19 15.04 -0.63 9.17
N GLN B 20 15.62 -1.75 9.61
CA GLN B 20 17.03 -1.81 10.01
C GLN B 20 17.99 -1.58 8.82
N GLN B 21 17.79 -2.31 7.72
CA GLN B 21 18.50 -2.02 6.47
C GLN B 21 18.36 -0.55 5.94
N VAL B 22 17.20 0.05 6.17
CA VAL B 22 16.94 1.42 5.77
C VAL B 22 17.72 2.36 6.66
N GLU B 23 17.62 2.21 7.99
CA GLU B 23 18.43 3.02 8.95
C GLU B 23 19.93 2.99 8.58
N GLU B 24 20.44 1.82 8.17
CA GLU B 24 21.85 1.68 7.77
C GLU B 24 22.16 2.29 6.43
N ARG B 25 21.26 2.18 5.44
CA ARG B 25 21.49 2.77 4.14
C ARG B 25 21.54 4.29 4.34
N GLN B 26 20.72 4.82 5.23
CA GLN B 26 20.74 6.22 5.55
C GLN B 26 22.00 6.59 6.28
N ARG B 27 22.52 5.71 7.14
CA ARG B 27 23.82 6.01 7.81
C ARG B 27 24.97 6.14 6.77
N ARG B 28 25.01 5.26 5.77
CA ARG B 28 26.04 5.28 4.73
C ARG B 28 25.95 6.56 3.91
N LEU B 29 24.72 6.96 3.58
CA LEU B 29 24.46 8.20 2.88
C LEU B 29 24.83 9.46 3.67
N GLU B 30 24.52 9.50 4.96
CA GLU B 30 25.04 10.53 5.87
C GLU B 30 26.54 10.68 5.75
N GLU B 31 27.29 9.59 5.73
CA GLU B 31 28.76 9.63 5.63
C GLU B 31 29.29 10.08 4.28
N ARG B 32 28.74 9.56 3.17
CA ARG B 32 29.13 10.00 1.84
C ARG B 32 28.84 11.50 1.73
N GLY B 33 27.70 11.90 2.31
CA GLY B 33 27.24 13.24 2.29
C GLY B 33 28.19 14.16 3.00
N VAL B 34 28.75 13.67 4.11
CA VAL B 34 29.71 14.46 4.90
C VAL B 34 31.02 14.63 4.15
N ALA B 35 31.49 13.57 3.51
CA ALA B 35 32.69 13.63 2.70
C ALA B 35 32.54 14.56 1.51
N VAL B 36 31.38 14.54 0.85
CA VAL B 36 31.13 15.34 -0.34
C VAL B 36 31.11 16.80 0.06
N GLU B 37 30.48 17.12 1.19
CA GLU B 37 30.43 18.47 1.70
C GLU B 37 31.81 18.99 2.20
N LYS B 38 32.64 18.13 2.80
CA LYS B 38 34.04 18.49 3.13
C LYS B 38 34.81 18.82 1.82
N ALA B 39 34.56 18.03 0.79
CA ALA B 39 35.16 18.28 -0.49
C ALA B 39 34.65 19.56 -1.18
N LEU B 40 33.40 19.94 -0.91
CA LEU B 40 32.81 21.18 -1.48
C LEU B 40 33.33 22.49 -0.85
N ARG B 41 33.65 22.44 0.44
CA ARG B 41 34.34 23.51 1.15
C ARG B 41 35.88 23.48 0.92
N GLY B 42 36.38 22.71 -0.06
CA GLY B 42 37.80 22.75 -0.46
C GLY B 42 38.79 22.10 0.48
N GLU B 43 38.26 21.34 1.43
CA GLU B 43 38.99 20.70 2.50
C GLU B 43 39.55 19.31 2.17
N ALA B 44 39.08 18.65 1.11
CA ALA B 44 39.47 17.27 0.80
C ALA B 44 40.45 17.12 -0.37
N GLY B 45 40.73 18.21 -1.07
CA GLY B 45 41.59 18.14 -2.23
C GLY B 45 41.36 19.37 -3.07
N MSE B 46 42.46 20.05 -3.40
CA MSE B 46 42.31 21.41 -3.95
C MSE B 46 41.67 21.47 -5.32
O MSE B 46 41.05 22.50 -5.65
CB MSE B 46 43.64 22.11 -4.00
CG MSE B 46 44.14 22.46 -2.58
SE MSE B 46 46.04 22.86 -3.06
CE MSE B 46 46.28 23.91 -1.41
N GLY B 47 41.80 20.39 -6.12
CA GLY B 47 41.01 20.24 -7.36
C GLY B 47 39.50 19.99 -7.17
N LYS B 48 39.13 18.97 -6.39
CA LYS B 48 37.73 18.54 -6.12
C LYS B 48 36.64 19.66 -6.31
N LYS B 49 36.70 20.75 -5.53
CA LYS B 49 35.71 21.87 -5.61
C LYS B 49 35.35 22.41 -7.04
N ASP B 50 36.32 22.39 -7.95
CA ASP B 50 36.07 22.74 -9.36
C ASP B 50 35.33 21.68 -10.18
N ASP B 51 35.34 20.41 -9.75
CA ASP B 51 34.72 19.32 -10.52
C ASP B 51 33.20 19.42 -10.45
N PRO B 52 32.51 19.52 -11.61
CA PRO B 52 31.04 19.49 -11.64
C PRO B 52 30.45 18.15 -11.23
N LYS B 53 31.22 17.06 -11.37
CA LYS B 53 30.80 15.74 -10.84
C LYS B 53 30.57 15.79 -9.33
N LEU B 54 31.27 16.68 -8.62
CA LEU B 54 31.09 16.81 -7.17
C LEU B 54 29.73 17.40 -6.76
N MSE B 55 29.34 18.52 -7.38
CA MSE B 55 28.00 19.07 -7.20
C MSE B 55 26.96 18.04 -7.58
O MSE B 55 25.95 17.96 -6.93
CB MSE B 55 27.66 20.29 -8.10
CG MSE B 55 28.06 21.63 -7.50
SE MSE B 55 26.87 22.11 -6.01
CE MSE B 55 25.32 23.05 -6.81
N GLN B 56 27.20 17.29 -8.66
CA GLN B 56 26.28 16.25 -9.14
C GLN B 56 26.09 15.17 -8.09
N GLU B 57 27.15 14.76 -7.40
CA GLU B 57 27.07 13.75 -6.34
C GLU B 57 26.13 14.21 -5.23
N TRP B 58 26.36 15.44 -4.75
CA TRP B 58 25.51 16.07 -3.72
C TRP B 58 24.02 15.92 -4.08
N PHE B 59 23.63 16.24 -5.32
CA PHE B 59 22.22 16.07 -5.75
C PHE B 59 21.74 14.62 -5.83
N LYS B 60 22.58 13.68 -6.28
CA LYS B 60 22.25 12.26 -6.25
C LYS B 60 22.04 11.78 -4.78
N LEU B 61 22.92 12.16 -3.85
CA LEU B 61 22.71 11.84 -2.40
C LEU B 61 21.35 12.33 -1.84
N VAL B 62 21.01 13.57 -2.15
CA VAL B 62 19.70 14.10 -1.81
C VAL B 62 18.55 13.22 -2.35
N GLN B 63 18.60 12.84 -3.63
CA GLN B 63 17.60 11.92 -4.21
C GLN B 63 17.54 10.59 -3.49
N GLU B 64 18.69 10.03 -3.17
CA GLU B 64 18.80 8.72 -2.55
C GLU B 64 18.30 8.77 -1.11
N LYS B 65 18.56 9.85 -0.41
CA LYS B 65 17.98 10.10 0.91
C LYS B 65 16.46 10.23 0.87
N ASN B 66 15.97 10.92 -0.16
CA ASN B 66 14.53 11.06 -0.36
C ASN B 66 13.85 9.68 -0.64
N ALA B 67 14.50 8.86 -1.47
CA ALA B 67 14.00 7.55 -1.76
C ALA B 67 13.87 6.75 -0.45
N MSE B 68 14.90 6.77 0.38
CA MSE B 68 14.91 6.00 1.60
C MSE B 68 13.82 6.44 2.55
O MSE B 68 13.25 5.63 3.21
CB MSE B 68 16.28 6.02 2.33
CG MSE B 68 17.40 5.31 1.61
SE MSE B 68 16.95 3.41 1.24
CE MSE B 68 16.43 3.53 -0.67
N VAL B 69 13.58 7.73 2.66
CA VAL B 69 12.54 8.26 3.52
C VAL B 69 11.12 7.83 3.04
N ARG B 70 10.91 7.77 1.73
CA ARG B 70 9.66 7.22 1.19
C ARG B 70 9.48 5.75 1.53
N TYR B 71 10.58 5.00 1.48
CA TYR B 71 10.56 3.63 1.84
C TYR B 71 10.33 3.48 3.33
N GLU B 72 11.01 4.25 4.16
CA GLU B 72 10.82 4.20 5.60
C GLU B 72 9.32 4.44 5.93
N SER B 73 8.75 5.48 5.36
CA SER B 73 7.32 5.79 5.47
C SER B 73 6.34 4.66 5.17
N GLU B 74 6.58 3.96 4.07
CA GLU B 74 5.82 2.82 3.68
C GLU B 74 5.91 1.67 4.71
N LEU B 75 7.12 1.41 5.21
CA LEU B 75 7.32 0.43 6.25
C LEU B 75 6.60 0.80 7.54
N MSE B 76 6.62 2.08 7.90
CA MSE B 76 5.84 2.53 9.06
C MSE B 76 4.38 2.13 8.94
O MSE B 76 3.79 1.60 9.91
CB MSE B 76 5.92 4.03 9.30
CG MSE B 76 7.32 4.58 9.57
SE MSE B 76 8.06 4.03 11.28
CE MSE B 76 7.10 5.36 12.40
N ILE B 77 3.82 2.37 7.75
CA ILE B 77 2.41 2.17 7.55
C ILE B 77 2.08 0.69 7.59
N PHE B 78 2.85 -0.11 6.84
CA PHE B 78 2.72 -1.51 6.87
C PHE B 78 2.79 -2.12 8.25
N ALA B 79 3.72 -1.63 9.07
CA ALA B 79 3.95 -2.15 10.44
C ALA B 79 2.79 -1.83 11.34
N ARG B 80 2.22 -0.64 11.23
CA ARG B 80 1.02 -0.30 12.03
C ARG B 80 -0.19 -1.13 11.58
N GLU B 81 -0.40 -1.19 10.28
CA GLU B 81 -1.44 -1.98 9.67
C GLU B 81 -1.35 -3.40 10.19
N LEU B 82 -0.13 -3.94 10.22
CA LEU B 82 0.10 -5.29 10.69
C LEU B 82 -0.27 -5.50 12.19
N GLU B 83 0.13 -4.57 13.06
CA GLU B 83 -0.36 -4.57 14.43
C GLU B 83 -1.88 -4.56 14.56
N LEU B 84 -2.54 -3.74 13.75
CA LEU B 84 -4.00 -3.71 13.69
C LEU B 84 -4.61 -5.03 13.15
N GLU B 85 -4.03 -5.64 12.14
CA GLU B 85 -4.44 -6.92 11.67
C GLU B 85 -4.37 -7.96 12.82
N ASP B 86 -3.35 -7.84 13.67
CA ASP B 86 -3.16 -8.76 14.75
C ASP B 86 -4.24 -8.53 15.79
N ARG B 87 -4.42 -7.28 16.22
CA ARG B 87 -5.42 -6.95 17.19
C ARG B 87 -6.79 -7.43 16.68
N GLN B 88 -7.13 -7.12 15.42
CA GLN B 88 -8.43 -7.46 14.85
C GLN B 88 -8.73 -8.94 14.86
N SER B 89 -7.76 -9.72 14.42
CA SER B 89 -7.89 -11.15 14.37
C SER B 89 -8.08 -11.75 15.77
N ARG B 90 -7.45 -11.16 16.79
CA ARG B 90 -7.64 -11.60 18.20
C ARG B 90 -8.96 -11.23 18.82
N LEU B 91 -9.46 -10.05 18.52
CA LEU B 91 -10.79 -9.61 18.92
C LEU B 91 -11.86 -10.46 18.23
N GLN B 92 -11.60 -10.84 16.98
CA GLN B 92 -12.51 -11.66 16.22
C GLN B 92 -12.54 -13.06 16.81
N GLN B 93 -11.38 -13.57 17.21
CA GLN B 93 -11.25 -14.85 17.86
C GLN B 93 -11.98 -14.86 19.19
N GLU B 94 -11.81 -13.80 19.99
CA GLU B 94 -12.50 -13.66 21.25
C GLU B 94 -13.98 -13.74 21.01
N LEU B 95 -14.46 -13.01 20.02
CA LEU B 95 -15.88 -12.94 19.70
C LEU B 95 -16.46 -14.23 19.18
N ARG B 96 -15.75 -14.91 18.25
CA ARG B 96 -16.22 -16.15 17.60
C ARG B 96 -16.08 -17.33 18.56
N GLU B 97 -15.34 -17.18 19.68
CA GLU B 97 -15.47 -18.06 20.87
C GLU B 97 -16.80 -17.83 21.61
N ARG B 98 -17.08 -16.58 22.00
CA ARG B 98 -18.25 -16.28 22.86
C ARG B 98 -19.62 -16.59 22.23
N MSE B 99 -19.70 -16.56 20.90
CA MSE B 99 -20.96 -16.83 20.20
C MSE B 99 -20.85 -18.10 19.39
O MSE B 99 -20.90 -19.19 19.94
CB MSE B 99 -21.30 -15.55 19.42
CG MSE B 99 -20.68 -15.37 18.05
SE MSE B 99 -20.94 -13.48 17.50
CE MSE B 99 -20.37 -14.01 15.67
N SER B 112 -23.31 -9.24 26.56
CA SER B 112 -22.65 -8.63 27.71
C SER B 112 -21.45 -7.69 27.26
N GLU B 113 -20.18 -8.08 27.51
CA GLU B 113 -18.99 -7.44 26.87
C GLU B 113 -18.82 -7.89 25.40
N GLU B 114 -19.66 -8.83 24.95
CA GLU B 114 -19.80 -9.18 23.53
C GLU B 114 -20.06 -7.98 22.59
N LYS B 115 -20.95 -7.08 22.99
CA LYS B 115 -21.22 -5.87 22.20
C LYS B 115 -20.04 -4.86 22.22
N GLN B 116 -19.30 -4.79 23.31
CA GLN B 116 -18.09 -3.94 23.40
C GLN B 116 -16.91 -4.44 22.53
N ILE B 117 -16.75 -5.76 22.46
CA ILE B 117 -15.70 -6.38 21.68
C ILE B 117 -15.95 -6.06 20.22
N LEU B 118 -17.20 -6.22 19.81
CA LEU B 118 -17.55 -5.89 18.47
C LEU B 118 -17.23 -4.46 18.13
N ASN B 119 -17.52 -3.52 19.03
CA ASN B 119 -17.17 -2.10 18.77
C ASN B 119 -15.67 -1.84 18.69
N GLU B 120 -14.88 -2.46 19.53
CA GLU B 120 -13.43 -2.32 19.45
C GLU B 120 -12.95 -2.77 18.08
N MSE B 121 -13.48 -3.89 17.62
CA MSE B 121 -13.14 -4.41 16.29
C MSE B 121 -13.52 -3.55 15.12
O MSE B 121 -12.82 -3.53 14.12
CB MSE B 121 -13.92 -5.66 16.16
CG MSE B 121 -13.03 -6.75 15.66
SE MSE B 121 -14.30 -8.22 15.29
CE MSE B 121 -13.88 -8.03 13.36
N LEU B 122 -14.65 -2.85 15.21
CA LEU B 122 -15.08 -1.96 14.14
C LEU B 122 -14.26 -0.68 14.08
N GLU B 123 -13.77 -0.21 15.24
CA GLU B 123 -12.80 0.89 15.30
C GLU B 123 -11.42 0.51 14.75
N VAL B 124 -11.00 -0.72 14.98
CA VAL B 124 -9.76 -1.25 14.43
C VAL B 124 -9.86 -1.35 12.93
N VAL B 125 -10.99 -1.85 12.44
CA VAL B 125 -11.24 -1.86 10.97
C VAL B 125 -11.23 -0.46 10.37
N GLU B 126 -11.77 0.53 11.06
CA GLU B 126 -11.78 1.90 10.55
C GLU B 126 -10.36 2.51 10.48
N GLN B 127 -9.57 2.30 11.52
CA GLN B 127 -8.17 2.74 11.51
C GLN B 127 -7.35 2.11 10.35
N ARG B 128 -7.61 0.84 10.04
CA ARG B 128 -6.92 0.19 8.96
C ARG B 128 -7.30 0.82 7.62
N ASP B 129 -8.59 1.07 7.39
CA ASP B 129 -9.11 1.80 6.19
C ASP B 129 -8.33 3.11 6.03
N SER B 130 -8.17 3.78 7.15
CA SER B 130 -7.54 5.07 7.15
C SER B 130 -6.03 5.04 6.75
N LEU B 131 -5.27 4.08 7.30
CA LEU B 131 -3.89 3.78 6.85
C LEU B 131 -3.75 3.33 5.38
N VAL B 132 -4.72 2.60 4.86
CA VAL B 132 -4.70 2.20 3.47
C VAL B 132 -4.89 3.43 2.61
N ALA B 133 -5.80 4.32 3.00
CA ALA B 133 -6.05 5.57 2.27
C ALA B 133 -4.82 6.47 2.25
N LEU B 134 -4.08 6.51 3.34
CA LEU B 134 -2.85 7.30 3.45
C LEU B 134 -1.76 6.72 2.60
N LEU B 135 -1.65 5.41 2.59
CA LEU B 135 -0.70 4.72 1.71
C LEU B 135 -1.00 4.93 0.23
N GLU B 136 -2.26 4.91 -0.11
CA GLU B 136 -2.74 5.14 -1.45
C GLU B 136 -2.35 6.57 -1.87
N GLU B 137 -2.68 7.55 -1.05
CA GLU B 137 -2.33 8.93 -1.32
C GLU B 137 -0.84 9.09 -1.62
N GLN B 138 0.01 8.58 -0.74
CA GLN B 138 1.44 8.65 -0.94
C GLN B 138 1.96 7.94 -2.18
N ARG B 139 1.45 6.73 -2.47
CA ARG B 139 1.87 5.99 -3.68
C ARG B 139 1.41 6.68 -4.98
N LEU B 140 0.27 7.37 -4.92
CA LEU B 140 -0.29 8.07 -6.07
C LEU B 140 0.14 9.54 -6.08
N ARG B 141 1.16 9.86 -5.29
CA ARG B 141 1.88 11.12 -5.31
C ARG B 141 3.39 10.95 -5.57
N GLU B 142 3.91 9.71 -5.47
CA GLU B 142 5.28 9.42 -5.88
C GLU B 142 5.40 9.38 -7.39
N ARG B 143 4.30 9.08 -8.07
CA ARG B 143 4.25 9.21 -9.53
C ARG B 143 4.29 10.69 -9.93
N GLU B 144 3.29 11.43 -9.47
CA GLU B 144 3.07 12.83 -9.84
C GLU B 144 3.88 13.70 -8.89
C1 PEG C . -5.48 -9.52 -18.26
O1 PEG C . -5.83 -8.86 -19.53
C2 PEG C . -4.08 -9.18 -17.64
O2 PEG C . -3.45 -8.10 -18.34
C3 PEG C . -2.08 -7.68 -18.19
C4 PEG C . -1.82 -6.47 -19.11
O4 PEG C . -1.09 -6.66 -20.36
C1 PEG D . 4.18 -8.50 -25.81
O1 PEG D . 2.93 -8.14 -25.17
C2 PEG D . 5.43 -7.91 -25.16
O2 PEG D . 6.64 -7.81 -25.99
C3 PEG D . 6.64 -7.24 -27.34
C4 PEG D . 7.42 -5.91 -27.55
O4 PEG D . 7.01 -5.34 -28.85
#